data_4HTF
#
_entry.id   4HTF
#
_cell.length_a   60.537
_cell.length_b   63.466
_cell.length_c   136.881
_cell.angle_alpha   90.00
_cell.angle_beta   90.00
_cell.angle_gamma   90.00
#
_symmetry.space_group_name_H-M   'P 21 21 21'
#
loop_
_entity.id
_entity.type
_entity.pdbx_description
1 polymer 'S-adenosylmethionine-dependent methyltransferase'
2 polymer 'S-adenosylmethionine-dependent methyltransferase'
3 non-polymer S-ADENOSYLMETHIONINE
4 non-polymer 'SULFATE ION'
5 non-polymer 'ACETATE ION'
6 non-polymer BETA-MERCAPTOETHANOL
7 water water
#
loop_
_entity_poly.entity_id
_entity_poly.type
_entity_poly.pdbx_seq_one_letter_code
_entity_poly.pdbx_strand_id
1 'polypeptide(L)'
;(MSE)HHHHHHSSGVDLGTENLYFQSNA(MSE)QDRNFDDIAEKFSRNIYGTTKGQLRQAILWQDLDRVLAE(MSE)GPQ
KLRVLDAGGGEGQTAIK(MSE)AERGHQVILCDLSAQ(MSE)IDRAKQAAEAKGVSDN(MSE)QFIHCAAQDVASHLETP
VDLILFHAVLEWVADPRSVLQTLWSVLRPGGVLSL(MSE)FYNAHGLL(MSE)HN(MSE)VAGNFDYVQAG(MSE)PKKK
KRTLSPDYPRDPTQVYLWLEEAGWQI(MSE)GKTGVRVFHDYLREKHQQRD(CSO)YEALLELETRYCRQEPYITLGRYI
HVTARKPQSKDKV
;
A
2 'polypeptide(L)'
;(MSE)HHHHHHSSGVDLGTENLYFQSNA(MSE)QDRNFDDIAEKFSRNIYGTTKGQLRQAILWQDLDRVLAE(MSE)GPQ
KLRVLDAGGGEGQTAIK(MSE)AERGHQVILCDLSAQ(MSE)IDRAKQAAEAKGVSDN(MSE)QFIHCAAQDVASHLETP
VDLILFHAVLEWVADPRSVLQTLWSVLRPGGVLSL(MSE)FYNAHGLL(MSE)HN(MSE)VAGNFDYVQAG(MSE)PKKK
KRTLSPDYPRDPTQVYLWLEEAGWQI(MSE)GKTGVRVFHDYLREKHQQRDCYEALLELETRYCRQEPYITLGRYIHVTA
RKPQSKDKV
;
B
#
loop_
_chem_comp.id
_chem_comp.type
_chem_comp.name
_chem_comp.formula
ACT non-polymer 'ACETATE ION' 'C2 H3 O2 -1'
BME non-polymer BETA-MERCAPTOETHANOL 'C2 H6 O S'
SAM non-polymer S-ADENOSYLMETHIONINE 'C15 H22 N6 O5 S'
SO4 non-polymer 'SULFATE ION' 'O4 S -2'
#
# COMPACT_ATOMS: atom_id res chain seq x y z
N ASP A 32 -18.90 15.09 19.62
CA ASP A 32 -20.10 15.15 20.49
C ASP A 32 -21.18 16.08 19.90
N ILE A 33 -21.11 17.36 20.27
CA ILE A 33 -22.04 18.36 19.79
C ILE A 33 -21.98 18.37 18.28
N ALA A 34 -20.80 18.60 17.74
CA ALA A 34 -20.67 18.68 16.27
C ALA A 34 -20.72 17.31 15.57
N GLU A 35 -20.42 16.24 16.31
CA GLU A 35 -20.45 14.90 15.77
C GLU A 35 -21.79 14.48 15.21
N LYS A 36 -22.84 14.62 16.02
CA LYS A 36 -24.12 14.10 15.61
C LYS A 36 -24.71 14.86 14.45
N PHE A 37 -24.28 16.12 14.29
CA PHE A 37 -24.77 16.94 13.21
C PHE A 37 -23.99 16.78 11.90
N SER A 38 -22.85 16.08 11.95
N SER A 38 -22.86 16.06 11.95
CA SER A 38 -22.01 15.87 10.77
CA SER A 38 -22.01 15.86 10.78
C SER A 38 -21.99 14.43 10.26
C SER A 38 -22.07 14.44 10.22
N ARG A 39 -22.61 13.51 11.00
CA ARG A 39 -22.68 12.13 10.55
C ARG A 39 -23.77 11.46 11.35
N ASN A 40 -24.17 10.28 10.90
CA ASN A 40 -25.24 9.55 11.54
C ASN A 40 -24.67 8.66 12.64
N ILE A 41 -24.92 9.06 13.89
CA ILE A 41 -24.44 8.32 15.06
C ILE A 41 -25.14 6.95 15.18
N TYR A 42 -26.18 6.68 14.38
CA TYR A 42 -26.83 5.37 14.40
C TYR A 42 -26.20 4.51 13.32
N GLY A 43 -25.30 5.12 12.54
CA GLY A 43 -24.61 4.38 11.47
C GLY A 43 -23.27 3.88 11.95
N THR A 44 -22.52 3.26 11.05
CA THR A 44 -21.20 2.73 11.38
C THR A 44 -20.20 3.72 10.80
N THR A 45 -19.06 3.82 11.45
CA THR A 45 -17.98 4.68 10.95
C THR A 45 -17.53 4.17 9.57
N LYS A 46 -17.60 2.85 9.34
CA LYS A 46 -17.18 2.35 8.02
C LYS A 46 -18.07 2.84 6.91
N GLY A 47 -19.37 2.88 7.17
CA GLY A 47 -20.33 3.34 6.17
C GLY A 47 -20.32 4.84 6.03
N GLN A 48 -20.14 5.56 7.13
CA GLN A 48 -20.10 7.01 7.06
C GLN A 48 -18.86 7.51 6.32
N LEU A 49 -17.73 6.85 6.55
CA LEU A 49 -16.49 7.28 5.89
C LEU A 49 -16.53 7.00 4.39
N ARG A 50 -17.03 5.82 4.09
CA ARG A 50 -17.22 5.37 2.69
C ARG A 50 -18.08 6.39 1.96
N GLN A 51 -19.24 6.76 2.53
CA GLN A 51 -20.10 7.75 1.94
C GLN A 51 -19.46 9.13 1.84
N ALA A 52 -18.71 9.55 2.85
CA ALA A 52 -18.10 10.88 2.80
C ALA A 52 -17.07 11.01 1.67
N ILE A 53 -16.24 9.99 1.53
CA ILE A 53 -15.18 10.02 0.52
C ILE A 53 -15.79 9.92 -0.88
N LEU A 54 -16.76 9.01 -1.04
CA LEU A 54 -17.46 8.82 -2.30
C LEU A 54 -18.09 10.14 -2.73
N TRP A 55 -18.77 10.83 -1.80
CA TRP A 55 -19.43 12.08 -2.15
C TRP A 55 -18.48 13.26 -2.43
N GLN A 56 -17.26 13.23 -1.90
CA GLN A 56 -16.26 14.22 -2.27
C GLN A 56 -16.03 14.09 -3.77
N ASP A 57 -15.85 12.84 -4.22
CA ASP A 57 -15.63 12.62 -5.65
C ASP A 57 -16.86 12.93 -6.47
N LEU A 58 -18.01 12.45 -6.03
CA LEU A 58 -19.25 12.69 -6.81
C LEU A 58 -19.59 14.17 -6.92
N ASP A 59 -19.40 14.90 -5.84
CA ASP A 59 -19.67 16.34 -5.89
C ASP A 59 -18.73 17.06 -6.79
N ARG A 60 -17.50 16.58 -6.85
CA ARG A 60 -16.50 17.16 -7.72
C ARG A 60 -16.92 16.91 -9.17
N VAL A 61 -17.33 15.67 -9.49
CA VAL A 61 -17.72 15.32 -10.87
C VAL A 61 -18.96 16.09 -11.30
N LEU A 62 -19.94 16.12 -10.42
CA LEU A 62 -21.18 16.80 -10.72
C LEU A 62 -20.94 18.27 -11.06
N ALA A 63 -20.00 18.91 -10.36
CA ALA A 63 -19.73 20.33 -10.65
C ALA A 63 -19.09 20.51 -12.01
N GLU A 64 -18.11 19.65 -12.30
CA GLU A 64 -17.36 19.64 -13.56
C GLU A 64 -18.31 19.38 -14.75
N MSE A 65 -19.36 18.60 -14.51
CA MSE A 65 -20.35 18.26 -15.54
C MSE A 65 -21.32 19.40 -15.78
O MSE A 65 -22.30 19.24 -16.51
CB MSE A 65 -21.09 16.97 -15.16
CG MSE A 65 -20.16 15.77 -15.28
SE MSE A 65 -21.15 14.09 -14.97
CE MSE A 65 -22.19 14.04 -16.65
N GLY A 66 -21.09 20.54 -15.15
CA GLY A 66 -21.94 21.72 -15.39
C GLY A 66 -23.15 21.79 -14.47
N PRO A 67 -23.80 22.96 -14.42
CA PRO A 67 -24.91 23.12 -13.52
C PRO A 67 -26.17 22.37 -13.90
N GLN A 68 -26.33 21.95 -15.15
CA GLN A 68 -27.57 21.28 -15.52
C GLN A 68 -27.88 20.01 -14.74
N LYS A 69 -29.17 19.73 -14.58
CA LYS A 69 -29.60 18.49 -13.88
C LYS A 69 -29.30 17.26 -14.75
N LEU A 70 -29.02 16.12 -14.13
CA LEU A 70 -28.65 14.93 -14.89
C LEU A 70 -29.61 13.78 -14.78
N ARG A 71 -29.48 12.87 -15.74
CA ARG A 71 -30.16 11.59 -15.80
C ARG A 71 -29.07 10.65 -15.33
N VAL A 72 -29.34 10.03 -14.19
CA VAL A 72 -28.35 9.17 -13.54
C VAL A 72 -28.88 7.76 -13.35
N LEU A 73 -28.11 6.77 -13.82
CA LEU A 73 -28.51 5.37 -13.64
C LEU A 73 -27.72 4.80 -12.49
N ASP A 74 -28.40 4.26 -11.49
CA ASP A 74 -27.72 3.59 -10.39
C ASP A 74 -27.95 2.10 -10.63
N ALA A 75 -26.97 1.46 -11.27
CA ALA A 75 -27.07 0.06 -11.60
C ALA A 75 -26.62 -0.78 -10.40
N GLY A 76 -27.51 -1.58 -9.82
CA GLY A 76 -27.22 -2.36 -8.62
C GLY A 76 -27.28 -1.41 -7.42
N GLY A 77 -28.28 -0.52 -7.44
CA GLY A 77 -28.40 0.51 -6.41
C GLY A 77 -28.82 0.05 -5.03
N GLY A 78 -29.22 -1.20 -4.87
CA GLY A 78 -29.57 -1.72 -3.56
C GLY A 78 -30.73 -0.98 -2.91
N GLU A 79 -30.56 -0.63 -1.63
CA GLU A 79 -31.58 0.09 -0.86
C GLU A 79 -31.66 1.57 -1.22
N GLY A 80 -30.83 2.02 -2.15
CA GLY A 80 -30.83 3.37 -2.63
C GLY A 80 -30.19 4.48 -1.84
N GLN A 81 -29.38 4.18 -0.84
CA GLN A 81 -28.76 5.26 -0.04
C GLN A 81 -28.10 6.33 -0.90
N THR A 82 -27.30 5.90 -1.85
CA THR A 82 -26.63 6.83 -2.67
C THR A 82 -27.55 7.44 -3.74
N ALA A 83 -28.44 6.63 -4.34
CA ALA A 83 -29.35 7.11 -5.38
C ALA A 83 -30.24 8.22 -4.82
N ILE A 84 -30.61 8.05 -3.56
CA ILE A 84 -31.44 9.03 -2.87
C ILE A 84 -30.70 10.34 -2.67
N LYS A 85 -29.43 10.25 -2.24
CA LYS A 85 -28.62 11.44 -2.02
C LYS A 85 -28.41 12.17 -3.32
N MSE A 86 -28.40 11.41 -4.43
CA MSE A 86 -28.25 11.99 -5.75
C MSE A 86 -29.51 12.70 -6.11
O MSE A 86 -29.48 13.83 -6.56
CB MSE A 86 -27.88 10.86 -6.72
CG MSE A 86 -27.67 11.32 -8.15
SE MSE A 86 -26.11 12.52 -8.35
CE MSE A 86 -24.76 11.16 -7.96
N ALA A 87 -30.66 12.06 -5.86
CA ALA A 87 -31.94 12.66 -6.18
C ALA A 87 -32.20 13.86 -5.26
N GLU A 88 -31.66 13.83 -4.04
CA GLU A 88 -31.79 14.99 -3.12
C GLU A 88 -31.07 16.21 -3.73
N ARG A 89 -30.00 15.97 -4.49
CA ARG A 89 -29.27 17.03 -5.18
C ARG A 89 -30.04 17.51 -6.43
N GLY A 90 -31.26 17.00 -6.58
CA GLY A 90 -32.14 17.43 -7.68
C GLY A 90 -32.07 16.75 -9.03
N HIS A 91 -31.31 15.67 -9.15
CA HIS A 91 -31.20 15.00 -10.45
C HIS A 91 -32.26 13.93 -10.60
N GLN A 92 -32.53 13.52 -11.86
CA GLN A 92 -33.43 12.38 -12.11
C GLN A 92 -32.60 11.08 -12.01
N VAL A 93 -32.95 10.24 -11.04
CA VAL A 93 -32.24 9.00 -10.78
C VAL A 93 -33.07 7.76 -11.11
N ILE A 94 -32.43 6.83 -11.81
CA ILE A 94 -33.02 5.57 -12.20
C ILE A 94 -32.25 4.46 -11.51
N LEU A 95 -32.91 3.72 -10.65
CA LEU A 95 -32.30 2.65 -9.94
C LEU A 95 -32.69 1.26 -10.47
N CYS A 96 -31.69 0.44 -10.85
CA CYS A 96 -32.02 -0.90 -11.26
C CYS A 96 -31.33 -1.81 -10.31
N ASP A 97 -31.91 -2.99 -10.12
CA ASP A 97 -31.35 -3.97 -9.23
C ASP A 97 -32.01 -5.29 -9.49
N LEU A 98 -31.20 -6.34 -9.45
CA LEU A 98 -31.65 -7.73 -9.64
C LEU A 98 -32.65 -8.18 -8.62
N SER A 99 -32.50 -7.68 -7.40
CA SER A 99 -33.33 -8.08 -6.29
C SER A 99 -34.60 -7.29 -6.11
N ALA A 100 -35.73 -7.98 -6.24
CA ALA A 100 -37.02 -7.33 -6.00
C ALA A 100 -37.07 -6.72 -4.59
N GLN A 101 -36.53 -7.44 -3.62
CA GLN A 101 -36.54 -6.97 -2.24
C GLN A 101 -35.77 -5.65 -2.06
N MSE A 102 -34.63 -5.50 -2.74
CA MSE A 102 -33.87 -4.24 -2.62
C MSE A 102 -34.70 -3.10 -3.14
O MSE A 102 -34.78 -2.02 -2.53
CB MSE A 102 -32.59 -4.31 -3.47
CG MSE A 102 -31.58 -5.28 -2.88
SE MSE A 102 -31.23 -4.76 -1.01
CE MSE A 102 -32.33 -6.16 -0.15
N ILE A 103 -35.35 -3.32 -4.27
CA ILE A 103 -36.15 -2.30 -4.88
C ILE A 103 -37.29 -1.82 -3.95
N ASP A 104 -37.87 -2.73 -3.18
CA ASP A 104 -38.94 -2.39 -2.23
C ASP A 104 -38.41 -1.48 -1.12
N ARG A 105 -37.19 -1.73 -0.68
CA ARG A 105 -36.59 -0.89 0.37
C ARG A 105 -36.22 0.48 -0.19
N ALA A 106 -35.69 0.51 -1.41
CA ALA A 106 -35.33 1.76 -2.09
C ALA A 106 -36.52 2.72 -2.21
N LYS A 107 -37.63 2.20 -2.74
CA LYS A 107 -38.85 3.00 -2.89
C LYS A 107 -39.37 3.52 -1.55
N GLN A 108 -39.39 2.64 -0.56
CA GLN A 108 -39.88 2.97 0.80
C GLN A 108 -38.94 3.94 1.50
N ALA A 109 -37.66 3.89 1.17
CA ALA A 109 -36.71 4.83 1.74
C ALA A 109 -36.81 6.15 0.96
N ALA A 110 -37.10 6.05 -0.34
CA ALA A 110 -37.24 7.23 -1.21
C ALA A 110 -38.36 8.13 -0.71
N GLU A 111 -39.49 7.51 -0.42
CA GLU A 111 -40.66 8.21 0.11
C GLU A 111 -40.39 8.86 1.47
N ALA A 112 -39.80 8.09 2.38
CA ALA A 112 -39.46 8.58 3.71
C ALA A 112 -38.56 9.82 3.64
N GLY A 114 -38.39 11.67 0.98
CA GLY A 114 -39.50 12.24 0.22
C GLY A 114 -39.02 12.78 -1.10
N VAL A 115 -38.31 11.91 -1.82
CA VAL A 115 -37.71 12.25 -3.09
C VAL A 115 -38.22 11.28 -4.16
N SER A 116 -39.39 10.70 -3.92
CA SER A 116 -39.97 9.71 -4.84
C SER A 116 -40.21 10.23 -6.26
N ASP A 117 -40.39 11.54 -6.40
CA ASP A 117 -40.62 12.18 -7.71
C ASP A 117 -39.40 12.18 -8.62
N ASN A 118 -38.21 12.18 -8.03
CA ASN A 118 -37.00 12.21 -8.82
C ASN A 118 -36.40 10.82 -8.98
N MSE A 119 -37.40 9.78 -8.84
CA MSE A 119 -36.73 8.50 -9.01
C MSE A 119 -37.66 7.54 -9.69
O MSE A 119 -38.88 7.77 -9.66
CB MSE A 119 -36.33 7.96 -7.65
CG MSE A 119 -34.81 7.83 -7.53
SE MSE A 119 -34.31 7.70 -5.64
CE MSE A 119 -33.92 5.77 -5.59
N GLN A 120 -36.96 6.60 -10.36
CA GLN A 120 -37.57 5.58 -11.18
C GLN A 120 -36.93 4.25 -10.78
N PHE A 121 -37.69 3.17 -10.76
CA PHE A 121 -37.16 1.88 -10.35
C PHE A 121 -37.32 0.81 -11.44
N ILE A 122 -36.29 -0.04 -11.61
CA ILE A 122 -36.34 -1.12 -12.60
C ILE A 122 -35.82 -2.41 -12.00
N HIS A 123 -36.61 -3.47 -12.10
CA HIS A 123 -36.20 -4.76 -11.55
C HIS A 123 -35.57 -5.62 -12.62
N CYS A 124 -34.25 -5.50 -12.80
CA CYS A 124 -33.53 -6.29 -13.80
C CYS A 124 -32.03 -6.30 -13.55
N ALA A 125 -31.31 -7.18 -14.26
CA ALA A 125 -29.86 -7.23 -14.18
C ALA A 125 -29.34 -6.02 -14.93
N ALA A 126 -28.17 -5.50 -14.54
CA ALA A 126 -27.58 -4.36 -15.22
C ALA A 126 -27.33 -4.75 -16.67
N GLN A 127 -27.02 -6.03 -16.90
CA GLN A 127 -26.75 -6.56 -18.23
C GLN A 127 -27.95 -6.37 -19.16
N ASP A 128 -29.14 -6.35 -18.59
CA ASP A 128 -30.37 -6.24 -19.35
C ASP A 128 -31.00 -4.86 -19.28
N VAL A 129 -30.28 -3.87 -18.78
CA VAL A 129 -30.89 -2.54 -18.62
C VAL A 129 -31.27 -1.70 -19.87
N ALA A 130 -30.58 -1.86 -21.00
CA ALA A 130 -30.82 -1.00 -22.15
C ALA A 130 -32.27 -0.93 -22.60
N SER A 131 -32.91 -2.09 -22.74
CA SER A 131 -34.30 -2.17 -23.21
C SER A 131 -35.24 -1.34 -22.35
N HIS A 132 -34.94 -1.31 -21.06
CA HIS A 132 -35.72 -0.58 -20.09
C HIS A 132 -35.47 0.94 -20.08
N LEU A 133 -34.53 1.44 -20.86
CA LEU A 133 -34.24 2.88 -20.89
C LEU A 133 -34.81 3.54 -22.14
N GLU A 134 -35.46 4.69 -21.98
CA GLU A 134 -36.04 5.39 -23.14
C GLU A 134 -34.92 6.04 -23.93
N THR A 135 -33.99 6.69 -23.22
CA THR A 135 -32.85 7.37 -23.84
C THR A 135 -31.56 7.13 -23.07
N PRO A 136 -30.40 7.54 -23.64
CA PRO A 136 -29.15 7.39 -22.91
C PRO A 136 -29.07 8.20 -21.60
N VAL A 137 -28.16 7.82 -20.73
CA VAL A 137 -27.95 8.57 -19.47
C VAL A 137 -26.67 9.41 -19.48
N ASP A 138 -26.54 10.32 -18.50
CA ASP A 138 -25.38 11.22 -18.39
C ASP A 138 -24.31 10.69 -17.46
N LEU A 139 -24.76 9.97 -16.43
CA LEU A 139 -23.89 9.45 -15.34
C LEU A 139 -24.40 8.13 -14.87
N ILE A 140 -23.46 7.20 -14.67
CA ILE A 140 -23.77 5.87 -14.19
C ILE A 140 -23.03 5.60 -12.88
N LEU A 141 -23.76 5.13 -11.86
CA LEU A 141 -23.19 4.72 -10.60
C LEU A 141 -23.21 3.21 -10.63
N PHE A 142 -22.04 2.60 -10.39
CA PHE A 142 -21.97 1.15 -10.32
C PHE A 142 -21.07 0.89 -9.10
N HIS A 143 -21.71 0.88 -7.95
CA HIS A 143 -21.06 0.83 -6.67
C HIS A 143 -21.20 -0.48 -5.93
N ALA A 144 -20.06 -1.11 -5.64
CA ALA A 144 -20.04 -2.35 -4.92
C ALA A 144 -20.80 -3.45 -5.59
N VAL A 145 -20.69 -3.52 -6.92
CA VAL A 145 -21.33 -4.56 -7.72
C VAL A 145 -20.33 -5.37 -8.53
N LEU A 146 -19.25 -4.75 -8.99
CA LEU A 146 -18.31 -5.46 -9.84
C LEU A 146 -17.70 -6.71 -9.22
N GLU A 147 -17.49 -6.70 -7.91
CA GLU A 147 -16.95 -7.83 -7.25
C GLU A 147 -17.92 -8.99 -7.10
N TRP A 148 -19.16 -8.82 -7.51
CA TRP A 148 -20.18 -9.87 -7.42
C TRP A 148 -20.55 -10.54 -8.70
N VAL A 149 -20.07 -10.01 -9.81
CA VAL A 149 -20.48 -10.53 -11.10
C VAL A 149 -19.42 -11.40 -11.77
N ALA A 150 -19.89 -12.46 -12.42
CA ALA A 150 -19.01 -13.36 -13.14
C ALA A 150 -18.52 -12.84 -14.48
N ASP A 151 -19.18 -11.79 -14.98
CA ASP A 151 -18.91 -11.22 -16.29
C ASP A 151 -18.67 -9.72 -16.17
N PRO A 152 -17.66 -9.35 -15.42
CA PRO A 152 -17.41 -7.91 -15.22
C PRO A 152 -17.12 -7.14 -16.47
N ARG A 153 -16.36 -7.68 -17.40
CA ARG A 153 -16.08 -6.92 -18.63
C ARG A 153 -17.33 -6.71 -19.46
N SER A 154 -18.15 -7.74 -19.55
N SER A 154 -18.16 -7.74 -19.56
CA SER A 154 -19.38 -7.63 -20.29
CA SER A 154 -19.41 -7.60 -20.32
C SER A 154 -20.31 -6.60 -19.66
C SER A 154 -20.33 -6.59 -19.67
N VAL A 155 -20.42 -6.60 -18.34
CA VAL A 155 -21.32 -5.63 -17.70
C VAL A 155 -20.81 -4.19 -17.89
N LEU A 156 -19.50 -3.98 -17.82
CA LEU A 156 -18.95 -2.64 -18.07
C LEU A 156 -19.29 -2.19 -19.48
N GLN A 157 -19.22 -3.12 -20.44
CA GLN A 157 -19.60 -2.77 -21.83
C GLN A 157 -21.09 -2.37 -21.96
N THR A 158 -21.98 -3.04 -21.26
CA THR A 158 -23.37 -2.69 -21.30
C THR A 158 -23.58 -1.27 -20.75
N LEU A 159 -22.88 -0.95 -19.67
CA LEU A 159 -22.95 0.37 -19.06
C LEU A 159 -22.44 1.43 -20.07
N TRP A 160 -21.35 1.13 -20.73
CA TRP A 160 -20.87 2.04 -21.79
C TRP A 160 -21.93 2.25 -22.83
N SER A 161 -22.64 1.18 -23.17
CA SER A 161 -23.62 1.24 -24.27
C SER A 161 -24.83 2.09 -24.01
N VAL A 162 -25.14 2.36 -22.75
CA VAL A 162 -26.31 3.15 -22.37
C VAL A 162 -25.94 4.53 -21.88
N LEU A 163 -24.67 4.86 -22.02
CA LEU A 163 -24.16 6.14 -21.57
C LEU A 163 -23.92 7.04 -22.77
N ARG A 164 -24.22 8.34 -22.66
CA ARG A 164 -24.01 9.22 -23.77
C ARG A 164 -22.53 9.52 -23.96
N PRO A 165 -22.10 9.87 -25.20
CA PRO A 165 -20.72 10.31 -25.41
C PRO A 165 -20.51 11.51 -24.47
N GLY A 166 -19.37 11.50 -23.77
CA GLY A 166 -19.05 12.54 -22.84
C GLY A 166 -19.56 12.24 -21.44
N GLY A 167 -20.31 11.15 -21.28
CA GLY A 167 -20.85 10.77 -19.98
C GLY A 167 -19.82 10.15 -19.09
N VAL A 168 -20.19 10.00 -17.84
CA VAL A 168 -19.27 9.51 -16.83
C VAL A 168 -19.76 8.30 -16.12
N LEU A 169 -18.81 7.42 -15.87
CA LEU A 169 -19.00 6.25 -15.02
C LEU A 169 -18.31 6.45 -13.68
N SER A 170 -19.09 6.25 -12.60
CA SER A 170 -18.61 6.27 -11.23
C SER A 170 -18.58 4.81 -10.79
N LEU A 171 -17.39 4.21 -10.78
CA LEU A 171 -17.22 2.80 -10.49
C LEU A 171 -16.56 2.60 -9.14
N MSE A 172 -17.21 1.91 -8.22
CA MSE A 172 -16.60 1.62 -6.88
C MSE A 172 -16.59 0.15 -6.74
O MSE A 172 -17.64 -0.50 -6.81
CB MSE A 172 -17.33 2.31 -5.72
CG MSE A 172 -16.54 2.09 -4.45
SE MSE A 172 -17.24 3.24 -3.00
CE MSE A 172 -19.05 2.54 -2.94
N PHE A 173 -15.38 -0.41 -6.59
CA PHE A 173 -15.23 -1.84 -6.47
C PHE A 173 -14.43 -2.23 -5.26
N TYR A 174 -14.78 -3.39 -4.74
CA TYR A 174 -14.12 -4.02 -3.57
C TYR A 174 -12.72 -4.48 -3.99
N ASN A 175 -11.73 -3.99 -3.26
CA ASN A 175 -10.32 -4.13 -3.61
C ASN A 175 -9.63 -5.29 -2.92
N ALA A 176 -9.12 -6.22 -3.74
CA ALA A 176 -8.41 -7.38 -3.24
C ALA A 176 -7.26 -7.01 -2.31
N HIS A 177 -6.58 -5.92 -2.58
CA HIS A 177 -5.44 -5.54 -1.72
C HIS A 177 -5.85 -5.09 -0.36
N GLY A 178 -6.96 -4.36 -0.30
CA GLY A 178 -7.51 -3.92 0.94
C GLY A 178 -7.95 -5.14 1.73
N LEU A 179 -8.53 -6.14 1.09
CA LEU A 179 -8.94 -7.33 1.78
C LEU A 179 -7.71 -8.06 2.41
N LEU A 180 -6.67 -8.13 1.64
CA LEU A 180 -5.44 -8.79 2.06
C LEU A 180 -4.85 -8.05 3.24
N MSE A 181 -4.73 -6.75 3.10
CA MSE A 181 -4.17 -5.97 4.23
C MSE A 181 -5.06 -6.06 5.46
O MSE A 181 -4.51 -6.15 6.60
CB MSE A 181 -3.88 -4.50 3.85
CG MSE A 181 -3.27 -3.61 4.90
SE MSE A 181 -1.44 -4.28 5.41
CE MSE A 181 -0.26 -3.59 4.05
N HIS A 182 -6.37 -5.97 5.31
CA HIS A 182 -7.26 -6.09 6.44
C HIS A 182 -6.99 -7.40 7.20
N ASN A 183 -6.94 -8.49 6.46
CA ASN A 183 -6.68 -9.80 7.03
C ASN A 183 -5.33 -9.92 7.70
N MSE A 184 -4.31 -9.37 7.07
CA MSE A 184 -2.98 -9.43 7.65
C MSE A 184 -2.97 -8.67 8.93
O MSE A 184 -2.42 -9.11 9.94
CB MSE A 184 -1.86 -8.91 6.70
CG MSE A 184 -1.62 -9.82 5.52
SE MSE A 184 -1.02 -11.62 6.01
CE MSE A 184 0.58 -11.15 7.04
N VAL A 185 -3.48 -7.44 8.92
CA VAL A 185 -3.50 -6.62 10.13
C VAL A 185 -4.22 -7.31 11.30
N ALA A 186 -5.28 -8.01 10.93
CA ALA A 186 -6.11 -8.77 11.88
C ALA A 186 -5.47 -10.11 12.33
N GLY A 187 -4.32 -10.48 11.79
CA GLY A 187 -3.67 -11.71 12.15
C GLY A 187 -4.25 -12.97 11.56
N ASN A 188 -5.03 -12.83 10.51
CA ASN A 188 -5.67 -14.00 9.87
C ASN A 188 -4.69 -14.56 8.83
N PHE A 189 -3.56 -15.07 9.33
CA PHE A 189 -2.49 -15.48 8.41
C PHE A 189 -2.81 -16.74 7.63
N ASP A 190 -3.51 -17.66 8.25
CA ASP A 190 -3.82 -18.91 7.55
C ASP A 190 -4.80 -18.63 6.40
N TYR A 191 -5.73 -17.71 6.61
CA TYR A 191 -6.66 -17.35 5.59
C TYR A 191 -5.93 -16.71 4.40
N VAL A 192 -5.02 -15.80 4.67
CA VAL A 192 -4.26 -15.17 3.57
C VAL A 192 -3.36 -16.19 2.89
N GLN A 193 -2.73 -17.04 3.66
CA GLN A 193 -1.88 -18.09 3.09
C GLN A 193 -2.63 -18.94 2.08
N ALA A 194 -3.89 -19.26 2.38
CA ALA A 194 -4.74 -20.07 1.54
C ALA A 194 -5.29 -19.32 0.36
N GLY A 195 -5.04 -18.03 0.29
CA GLY A 195 -5.51 -17.25 -0.86
C GLY A 195 -6.90 -16.67 -0.68
N MSE A 196 -7.36 -16.53 0.57
CA MSE A 196 -8.64 -15.95 0.91
C MSE A 196 -9.82 -16.54 0.12
O MSE A 196 -10.60 -15.80 -0.47
CB MSE A 196 -8.55 -14.42 0.74
CG MSE A 196 -7.40 -13.98 1.59
SE MSE A 196 -7.31 -12.02 1.56
CE MSE A 196 -7.26 -11.51 -0.27
N PRO A 197 -9.99 -17.87 0.11
CA PRO A 197 -11.13 -18.48 -0.56
C PRO A 197 -12.45 -17.95 0.08
N LYS A 198 -13.51 -17.79 -0.71
CA LYS A 198 -14.74 -17.24 -0.16
C LYS A 198 -15.27 -18.12 0.97
N LYS A 199 -15.50 -17.55 2.15
CA LYS A 199 -16.04 -18.37 3.25
C LYS A 199 -17.13 -17.61 3.94
N LEU A 204 -21.78 -11.43 3.20
CA LEU A 204 -20.89 -10.27 3.16
C LEU A 204 -19.49 -10.56 2.61
N SER A 205 -19.35 -11.68 1.88
CA SER A 205 -18.07 -12.02 1.25
C SER A 205 -18.23 -12.01 -0.28
N PRO A 206 -17.87 -10.90 -0.90
CA PRO A 206 -17.99 -10.90 -2.35
C PRO A 206 -17.23 -12.05 -2.97
N ASP A 207 -17.74 -12.62 -4.06
CA ASP A 207 -17.05 -13.74 -4.67
C ASP A 207 -15.73 -13.34 -5.34
N TYR A 208 -15.68 -12.12 -5.82
CA TYR A 208 -14.57 -11.70 -6.70
C TYR A 208 -13.98 -10.33 -6.42
N PRO A 209 -13.37 -10.16 -5.25
CA PRO A 209 -12.59 -8.92 -5.01
C PRO A 209 -11.64 -8.72 -6.19
N ARG A 210 -11.53 -7.45 -6.57
CA ARG A 210 -10.83 -7.06 -7.78
C ARG A 210 -9.47 -6.48 -7.55
N ASP A 211 -8.61 -6.74 -8.55
CA ASP A 211 -7.24 -6.21 -8.61
C ASP A 211 -7.34 -4.87 -9.34
N PRO A 212 -7.07 -3.74 -8.66
CA PRO A 212 -7.20 -2.47 -9.34
C PRO A 212 -6.39 -2.33 -10.59
N THR A 213 -5.22 -2.89 -10.67
CA THR A 213 -4.41 -2.81 -11.90
C THR A 213 -5.15 -3.45 -13.05
N GLN A 214 -5.82 -4.56 -12.76
CA GLN A 214 -6.63 -5.20 -13.80
C GLN A 214 -7.87 -4.38 -14.15
N VAL A 215 -8.59 -3.85 -13.17
CA VAL A 215 -9.78 -3.04 -13.49
C VAL A 215 -9.43 -1.84 -14.35
N TYR A 216 -8.31 -1.19 -14.05
CA TYR A 216 -7.91 -0.04 -14.86
C TYR A 216 -7.68 -0.44 -16.30
N LEU A 217 -7.03 -1.58 -16.48
N LEU A 217 -7.01 -1.57 -16.49
CA LEU A 217 -6.76 -2.09 -17.82
CA LEU A 217 -6.76 -2.08 -17.85
C LEU A 217 -8.08 -2.37 -18.54
C LEU A 217 -8.07 -2.40 -18.56
N TRP A 218 -9.00 -3.02 -17.85
CA TRP A 218 -10.28 -3.32 -18.42
C TRP A 218 -10.95 -2.03 -18.93
N LEU A 219 -10.93 -0.99 -18.11
CA LEU A 219 -11.54 0.28 -18.52
C LEU A 219 -10.83 0.88 -19.72
N GLU A 220 -9.51 0.89 -19.67
CA GLU A 220 -8.72 1.52 -20.74
C GLU A 220 -8.81 0.76 -22.04
N GLU A 221 -8.78 -0.55 -21.98
CA GLU A 221 -8.92 -1.31 -23.24
C GLU A 221 -10.23 -1.15 -23.86
N ALA A 222 -11.26 -0.88 -23.06
CA ALA A 222 -12.61 -0.71 -23.58
C ALA A 222 -12.91 0.71 -24.08
N GLY A 223 -11.97 1.63 -23.88
CA GLY A 223 -12.07 2.99 -24.40
C GLY A 223 -12.40 4.09 -23.41
N TRP A 224 -12.57 3.73 -22.14
CA TRP A 224 -12.84 4.74 -21.13
C TRP A 224 -11.59 5.57 -20.85
N GLN A 225 -11.79 6.84 -20.48
N GLN A 225 -11.78 6.85 -20.50
CA GLN A 225 -10.73 7.74 -20.12
CA GLN A 225 -10.70 7.76 -20.15
C GLN A 225 -10.78 7.88 -18.62
C GLN A 225 -10.75 7.93 -18.64
N ILE A 226 -9.77 7.37 -17.93
CA ILE A 226 -9.83 7.45 -16.48
C ILE A 226 -9.58 8.87 -16.04
N MSE A 227 -10.43 9.40 -15.15
CA MSE A 227 -10.36 10.77 -14.69
C MSE A 227 -9.79 10.80 -13.30
O MSE A 227 -9.08 11.77 -12.97
CB MSE A 227 -11.75 11.38 -14.68
CG MSE A 227 -12.44 11.17 -16.02
SE MSE A 227 -14.37 11.56 -15.84
CE MSE A 227 -14.26 13.52 -15.91
N GLY A 228 -10.13 9.89 -12.43
CA GLY A 228 -9.65 9.91 -11.03
C GLY A 228 -9.72 8.54 -10.40
N LYS A 229 -8.88 8.35 -9.39
CA LYS A 229 -8.79 7.09 -8.62
C LYS A 229 -8.68 7.45 -7.15
N THR A 230 -9.60 6.91 -6.36
CA THR A 230 -9.62 7.24 -4.97
C THR A 230 -9.75 5.98 -4.10
N GLY A 231 -8.91 5.83 -3.09
CA GLY A 231 -9.07 4.75 -2.13
C GLY A 231 -10.11 5.13 -1.10
N VAL A 232 -11.07 4.22 -0.86
CA VAL A 232 -12.16 4.39 0.10
C VAL A 232 -11.91 3.53 1.33
N ARG A 233 -11.52 4.22 2.39
CA ARG A 233 -11.08 3.67 3.71
C ARG A 233 -9.67 3.08 3.49
N VAL A 234 -8.71 3.99 3.50
CA VAL A 234 -7.30 3.64 3.31
C VAL A 234 -6.51 3.43 4.61
N PHE A 235 -7.05 3.96 5.74
CA PHE A 235 -6.48 3.80 7.07
C PHE A 235 -7.43 3.18 8.07
N HIS A 236 -8.71 3.60 7.99
CA HIS A 236 -9.73 3.25 8.99
C HIS A 236 -9.74 1.82 9.46
N ASP A 237 -9.74 0.89 8.53
CA ASP A 237 -9.91 -0.51 8.90
C ASP A 237 -8.69 -1.13 9.50
N TYR A 238 -7.56 -0.44 9.41
CA TYR A 238 -6.27 -0.94 9.84
C TYR A 238 -5.81 -0.38 11.15
N LEU A 239 -6.59 0.51 11.79
CA LEU A 239 -6.15 1.10 13.04
C LEU A 239 -5.95 0.04 14.09
N ARG A 240 -4.88 0.15 14.83
CA ARG A 240 -4.62 -0.80 15.87
C ARG A 240 -5.69 -0.71 17.01
N GLU A 241 -5.99 0.50 17.43
CA GLU A 241 -7.05 0.76 18.45
C GLU A 241 -8.32 1.11 17.72
N LYS A 242 -9.16 0.12 17.49
CA LYS A 242 -10.37 0.36 16.71
C LYS A 242 -11.31 1.43 17.34
N HIS A 243 -11.23 1.67 18.63
CA HIS A 243 -12.07 2.70 19.22
C HIS A 243 -11.79 4.07 18.61
N GLN A 244 -10.61 4.22 18.03
CA GLN A 244 -10.24 5.50 17.41
C GLN A 244 -11.07 5.80 16.17
N GLN A 245 -11.66 4.78 15.54
CA GLN A 245 -12.49 5.03 14.39
C GLN A 245 -13.62 5.98 14.71
N ARG A 246 -14.22 5.79 15.87
CA ARG A 246 -15.26 6.66 16.38
C ARG A 246 -14.73 7.84 17.15
N ASP A 247 -13.84 7.57 18.08
CA ASP A 247 -13.33 8.60 19.00
C ASP A 247 -12.56 9.70 18.31
N CSO A 248 -11.95 9.37 17.17
CA CSO A 248 -11.13 10.33 16.42
CB CSO A 248 -9.72 9.80 16.45
SG CSO A 248 -9.00 9.51 18.03
C CSO A 248 -11.62 10.40 15.01
O CSO A 248 -10.83 10.71 14.11
OD CSO A 248 -8.93 10.91 18.65
N TYR A 249 -12.92 10.22 14.81
CA TYR A 249 -13.50 10.18 13.46
C TYR A 249 -13.16 11.40 12.58
N GLU A 250 -13.41 12.60 13.10
CA GLU A 250 -13.16 13.78 12.30
C GLU A 250 -11.68 13.92 11.88
N ALA A 251 -10.76 13.63 12.80
CA ALA A 251 -9.34 13.70 12.48
C ALA A 251 -8.97 12.64 11.42
N LEU A 252 -9.59 11.49 11.55
CA LEU A 252 -9.35 10.38 10.64
C LEU A 252 -9.88 10.73 9.28
N LEU A 253 -11.07 11.31 9.25
CA LEU A 253 -11.67 11.76 7.98
C LEU A 253 -10.75 12.74 7.28
N GLU A 254 -10.12 13.64 8.05
CA GLU A 254 -9.21 14.61 7.44
C GLU A 254 -8.02 13.93 6.78
N LEU A 255 -7.43 13.00 7.51
CA LEU A 255 -6.25 12.27 7.01
C LEU A 255 -6.57 11.38 5.83
N GLU A 256 -7.70 10.71 5.90
CA GLU A 256 -8.19 9.92 4.76
C GLU A 256 -8.34 10.85 3.53
N THR A 257 -9.01 11.98 3.75
CA THR A 257 -9.28 12.94 2.64
C THR A 257 -7.96 13.37 2.01
N ARG A 258 -6.95 13.60 2.86
CA ARG A 258 -5.67 14.10 2.33
C ARG A 258 -4.88 13.09 1.56
N TYR A 259 -4.90 11.82 1.96
CA TYR A 259 -4.03 10.82 1.34
C TYR A 259 -4.63 9.78 0.44
N CYS A 260 -5.95 9.75 0.41
CA CYS A 260 -6.66 8.69 -0.34
C CYS A 260 -6.60 8.78 -1.83
N ARG A 261 -6.04 9.86 -2.40
CA ARG A 261 -5.93 9.97 -3.86
C ARG A 261 -4.52 9.94 -4.36
N GLN A 262 -3.65 9.36 -3.54
CA GLN A 262 -2.26 9.14 -3.99
C GLN A 262 -1.80 7.74 -3.60
N GLU A 263 -0.83 7.24 -4.38
CA GLU A 263 -0.28 5.91 -4.10
C GLU A 263 0.71 6.04 -2.98
N PRO A 264 0.84 4.97 -2.18
CA PRO A 264 0.16 3.67 -2.25
C PRO A 264 -1.20 3.57 -1.65
N TYR A 265 -1.62 4.65 -1.02
CA TYR A 265 -2.86 4.65 -0.25
C TYR A 265 -4.08 4.28 -1.06
N ILE A 266 -4.19 4.78 -2.27
CA ILE A 266 -5.31 4.41 -3.12
C ILE A 266 -5.48 2.89 -3.12
N THR A 267 -4.37 2.20 -3.35
CA THR A 267 -4.32 0.76 -3.48
C THR A 267 -4.61 0.00 -2.21
N LEU A 268 -4.58 0.68 -1.06
N LEU A 268 -4.59 0.69 -1.06
CA LEU A 268 -4.97 0.11 0.22
CA LEU A 268 -4.96 0.10 0.20
C LEU A 268 -6.43 0.37 0.57
C LEU A 268 -6.42 0.36 0.56
N GLY A 269 -7.17 1.06 -0.28
CA GLY A 269 -8.56 1.29 0.06
C GLY A 269 -9.37 0.01 0.12
N ARG A 270 -10.33 -0.06 1.01
CA ARG A 270 -11.18 -1.24 1.04
C ARG A 270 -11.99 -1.34 -0.23
N TYR A 271 -12.37 -0.17 -0.73
CA TYR A 271 -12.92 -0.03 -2.04
C TYR A 271 -12.06 0.99 -2.77
N ILE A 272 -12.12 0.95 -4.09
CA ILE A 272 -11.51 1.98 -4.94
C ILE A 272 -12.65 2.57 -5.77
N HIS A 273 -12.71 3.90 -5.83
CA HIS A 273 -13.67 4.61 -6.63
C HIS A 273 -12.95 5.21 -7.82
N VAL A 274 -13.33 4.76 -9.00
CA VAL A 274 -12.71 5.24 -10.23
C VAL A 274 -13.77 5.99 -10.97
N THR A 275 -13.41 7.18 -11.43
CA THR A 275 -14.28 7.95 -12.29
C THR A 275 -13.71 7.90 -13.69
N ALA A 276 -14.56 7.64 -14.67
CA ALA A 276 -14.10 7.47 -16.03
C ALA A 276 -15.09 8.09 -16.99
N ARG A 277 -14.54 8.61 -18.08
CA ARG A 277 -15.36 9.29 -19.09
C ARG A 277 -15.43 8.51 -20.39
N LYS A 278 -16.61 8.50 -20.99
CA LYS A 278 -16.82 7.91 -22.30
C LYS A 278 -16.45 9.08 -23.21
N PRO A 279 -15.41 8.94 -24.05
CA PRO A 279 -15.03 10.06 -24.95
C PRO A 279 -16.18 10.68 -25.77
N GLN A 280 -16.07 11.99 -25.96
CA GLN A 280 -17.02 12.78 -26.73
C GLN A 280 -16.86 12.37 -28.18
N MSE B 25 -7.14 -8.93 26.68
CA MSE B 25 -5.80 -9.57 26.48
C MSE B 25 -5.96 -11.06 26.28
O MSE B 25 -6.85 -11.68 26.85
CB MSE B 25 -4.88 -9.27 27.68
CG MSE B 25 -4.47 -7.79 27.74
SE MSE B 25 -2.84 -7.55 28.84
CE MSE B 25 -1.50 -7.75 27.40
N GLN B 26 -5.09 -11.63 25.46
CA GLN B 26 -5.13 -13.05 25.15
C GLN B 26 -4.02 -13.79 25.89
N ASP B 27 -4.31 -14.98 26.42
CA ASP B 27 -3.26 -15.79 27.07
C ASP B 27 -2.25 -16.18 25.98
N ARG B 28 -0.98 -15.87 26.22
CA ARG B 28 0.09 -16.22 25.27
C ARG B 28 0.93 -17.36 25.79
N ASN B 29 0.50 -17.99 26.88
CA ASN B 29 1.34 -19.04 27.43
C ASN B 29 1.77 -20.06 26.38
N PHE B 30 2.89 -20.72 26.69
CA PHE B 30 3.46 -21.73 25.83
C PHE B 30 2.39 -22.60 25.12
N ASP B 31 1.49 -23.20 25.91
CA ASP B 31 0.48 -24.13 25.38
C ASP B 31 -0.53 -23.54 24.37
N ASP B 32 -0.63 -22.21 24.28
CA ASP B 32 -1.59 -21.52 23.37
C ASP B 32 -1.10 -21.20 21.94
N ILE B 33 0.20 -21.19 21.75
CA ILE B 33 0.82 -20.73 20.47
C ILE B 33 0.99 -21.83 19.40
N ALA B 34 0.44 -21.64 18.19
CA ALA B 34 0.57 -22.61 17.08
C ALA B 34 2.06 -22.95 16.77
N GLU B 35 2.91 -21.93 16.84
CA GLU B 35 4.36 -22.06 16.64
C GLU B 35 5.15 -22.32 17.97
N LYS B 36 4.52 -22.99 18.94
CA LYS B 36 5.18 -23.21 20.23
C LYS B 36 6.46 -24.01 20.12
N PHE B 37 6.56 -24.90 19.11
CA PHE B 37 7.77 -25.70 18.95
C PHE B 37 8.81 -25.13 18.01
N SER B 38 8.53 -23.99 17.42
N SER B 38 8.51 -23.98 17.43
CA SER B 38 9.52 -23.36 16.56
CA SER B 38 9.46 -23.29 16.58
C SER B 38 10.58 -22.67 17.39
C SER B 38 10.61 -22.73 17.42
N ARG B 39 11.74 -22.45 16.80
CA ARG B 39 12.81 -21.79 17.52
C ARG B 39 12.33 -20.42 17.96
N ASN B 40 12.79 -20.00 19.12
CA ASN B 40 12.61 -18.60 19.46
C ASN B 40 13.62 -17.73 18.65
N ILE B 41 13.32 -16.44 18.57
CA ILE B 41 14.16 -15.48 17.87
C ILE B 41 14.91 -14.77 18.97
N TYR B 42 16.23 -14.81 18.92
CA TYR B 42 17.06 -14.23 19.99
C TYR B 42 16.99 -12.73 20.09
N GLY B 43 17.06 -12.07 18.95
CA GLY B 43 16.96 -10.63 18.99
C GLY B 43 15.55 -10.13 18.73
N THR B 44 15.44 -8.98 18.09
CA THR B 44 14.16 -8.41 17.82
C THR B 44 13.53 -9.06 16.59
N THR B 45 12.20 -9.19 16.59
CA THR B 45 11.55 -9.68 15.36
C THR B 45 11.73 -8.69 14.20
N LYS B 46 11.79 -7.37 14.48
CA LYS B 46 11.96 -6.36 13.40
C LYS B 46 13.31 -6.62 12.73
N GLY B 47 14.31 -6.88 13.57
CA GLY B 47 15.63 -7.14 13.03
C GLY B 47 15.77 -8.46 12.30
N GLN B 48 15.17 -9.52 12.86
CA GLN B 48 15.25 -10.85 12.26
C GLN B 48 14.58 -10.87 10.88
N LEU B 49 13.42 -10.24 10.81
CA LEU B 49 12.71 -10.20 9.54
C LEU B 49 13.48 -9.36 8.48
N ARG B 50 13.96 -8.21 8.90
CA ARG B 50 14.77 -7.36 8.07
C ARG B 50 15.93 -8.16 7.50
N GLN B 51 16.66 -8.87 8.36
CA GLN B 51 17.77 -9.69 7.91
C GLN B 51 17.35 -10.76 6.92
N ALA B 52 16.29 -11.48 7.25
CA ALA B 52 15.83 -12.54 6.36
C ALA B 52 15.51 -12.05 4.96
N ILE B 53 14.72 -10.99 4.86
CA ILE B 53 14.26 -10.46 3.56
C ILE B 53 15.46 -9.89 2.83
N LEU B 54 16.33 -9.16 3.52
CA LEU B 54 17.53 -8.59 2.88
C LEU B 54 18.38 -9.67 2.29
N TRP B 55 18.64 -10.72 3.07
CA TRP B 55 19.51 -11.81 2.60
C TRP B 55 18.87 -12.68 1.49
N GLN B 56 17.55 -12.68 1.35
CA GLN B 56 16.97 -13.35 0.21
C GLN B 56 17.44 -12.65 -1.07
N ASP B 57 17.44 -11.31 -1.01
CA ASP B 57 17.88 -10.49 -2.14
C ASP B 57 19.38 -10.60 -2.33
N LEU B 58 20.15 -10.49 -1.25
CA LEU B 58 21.64 -10.56 -1.33
C LEU B 58 22.10 -11.92 -1.83
N ASP B 59 21.50 -13.01 -1.32
CA ASP B 59 21.88 -14.33 -1.86
C ASP B 59 21.55 -14.48 -3.35
N ARG B 60 20.38 -13.96 -3.76
CA ARG B 60 19.98 -14.03 -5.17
C ARG B 60 20.98 -13.25 -6.03
N VAL B 61 21.37 -12.04 -5.60
CA VAL B 61 22.33 -11.28 -6.43
C VAL B 61 23.75 -11.89 -6.40
N LEU B 62 24.18 -12.38 -5.23
CA LEU B 62 25.49 -12.98 -5.09
C LEU B 62 25.61 -14.22 -6.00
N ALA B 63 24.53 -14.97 -6.13
CA ALA B 63 24.56 -16.16 -7.00
C ALA B 63 24.68 -15.74 -8.45
N GLU B 64 24.06 -14.60 -8.80
CA GLU B 64 24.09 -14.03 -10.15
C GLU B 64 25.51 -13.62 -10.53
N MSE B 65 26.20 -13.03 -9.57
CA MSE B 65 27.53 -12.50 -9.78
C MSE B 65 28.60 -13.54 -9.82
O MSE B 65 29.78 -13.19 -9.84
CB MSE B 65 27.84 -11.45 -8.73
CG MSE B 65 26.97 -10.24 -8.99
SE MSE B 65 27.23 -8.98 -7.50
CE MSE B 65 28.90 -8.15 -8.13
N GLY B 66 28.23 -14.82 -9.82
CA GLY B 66 29.23 -15.87 -9.96
C GLY B 66 29.91 -16.30 -8.68
N PRO B 67 30.74 -17.37 -8.76
CA PRO B 67 31.39 -17.94 -7.58
C PRO B 67 32.63 -17.23 -7.02
N GLN B 68 33.25 -16.34 -7.79
CA GLN B 68 34.45 -15.65 -7.31
C GLN B 68 34.16 -14.79 -6.10
N LYS B 69 35.12 -14.70 -5.18
CA LYS B 69 34.92 -13.87 -3.99
C LYS B 69 34.99 -12.41 -4.40
N LEU B 70 34.30 -11.60 -3.61
CA LEU B 70 34.17 -10.18 -3.87
C LEU B 70 34.85 -9.34 -2.81
N ARG B 71 35.01 -8.03 -3.32
CA ARG B 71 35.46 -6.95 -2.48
C ARG B 71 34.15 -6.23 -2.32
N VAL B 72 33.75 -6.07 -1.05
CA VAL B 72 32.48 -5.46 -0.74
C VAL B 72 32.68 -4.33 0.23
N LEU B 73 32.09 -3.16 -0.07
CA LEU B 73 32.17 -2.03 0.84
C LEU B 73 30.83 -1.93 1.55
N ASP B 74 30.85 -1.81 2.87
CA ASP B 74 29.63 -1.62 3.65
C ASP B 74 29.76 -0.22 4.22
N ALA B 75 29.16 0.76 3.55
CA ALA B 75 29.29 2.15 3.97
C ALA B 75 28.20 2.50 4.96
N GLY B 76 28.59 2.94 6.14
CA GLY B 76 27.69 3.19 7.24
C GLY B 76 27.28 1.84 7.83
N GLY B 77 28.26 0.94 7.95
CA GLY B 77 28.07 -0.43 8.46
C GLY B 77 27.63 -0.63 9.90
N GLY B 78 27.76 0.41 10.72
CA GLY B 78 27.36 0.34 12.13
C GLY B 78 28.15 -0.70 12.90
N GLU B 79 27.44 -1.48 13.72
CA GLU B 79 28.06 -2.54 14.55
C GLU B 79 28.51 -3.72 13.69
N GLY B 80 28.27 -3.66 12.39
CA GLY B 80 28.74 -4.69 11.48
C GLY B 80 28.03 -6.04 11.35
N GLN B 81 26.79 -6.18 11.82
CA GLN B 81 26.07 -7.45 11.67
C GLN B 81 26.08 -7.99 10.22
N THR B 82 25.67 -7.17 9.25
CA THR B 82 25.61 -7.59 7.82
C THR B 82 26.97 -7.78 7.22
N ALA B 83 27.87 -6.88 7.58
CA ALA B 83 29.23 -6.92 7.12
C ALA B 83 29.91 -8.20 7.68
N ILE B 84 29.68 -8.51 8.96
CA ILE B 84 30.30 -9.72 9.57
C ILE B 84 29.81 -10.98 8.91
N LYS B 85 28.53 -10.99 8.53
CA LYS B 85 27.95 -12.15 7.84
C LYS B 85 28.51 -12.26 6.45
N MSE B 86 28.82 -11.12 5.85
CA MSE B 86 29.38 -11.09 4.50
C MSE B 86 30.78 -11.64 4.55
O MSE B 86 31.23 -12.31 3.61
CB MSE B 86 29.39 -9.64 4.04
CG MSE B 86 29.76 -9.49 2.56
SE MSE B 86 28.51 -10.38 1.31
CE MSE B 86 27.04 -9.08 1.06
N ALA B 87 31.48 -11.34 5.65
CA ALA B 87 32.87 -11.83 5.88
C ALA B 87 32.91 -13.34 6.17
N GLU B 88 31.79 -13.86 6.70
CA GLU B 88 31.63 -15.29 6.99
C GLU B 88 31.53 -16.06 5.67
N ARG B 89 31.09 -15.40 4.59
CA ARG B 89 30.98 -16.06 3.27
C ARG B 89 32.29 -15.97 2.45
N GLY B 90 33.37 -15.53 3.12
CA GLY B 90 34.71 -15.49 2.52
C GLY B 90 35.21 -14.19 1.91
N HIS B 91 34.28 -13.28 1.62
CA HIS B 91 34.61 -12.00 0.99
C HIS B 91 35.46 -11.12 1.94
N GLN B 92 36.20 -10.17 1.36
CA GLN B 92 36.97 -9.18 2.13
C GLN B 92 36.00 -8.00 2.26
N VAL B 93 35.69 -7.65 3.50
CA VAL B 93 34.74 -6.59 3.79
C VAL B 93 35.44 -5.38 4.39
N ILE B 94 35.02 -4.21 3.90
CA ILE B 94 35.53 -2.95 4.34
C ILE B 94 34.35 -2.24 4.98
N LEU B 95 34.35 -2.08 6.31
CA LEU B 95 33.25 -1.36 6.98
C LEU B 95 33.71 0.08 7.21
N CYS B 96 32.82 1.02 6.97
CA CYS B 96 33.09 2.42 7.16
C CYS B 96 31.94 2.97 7.99
N ASP B 97 32.24 3.88 8.90
CA ASP B 97 31.21 4.48 9.70
C ASP B 97 31.73 5.76 10.34
N LEU B 98 30.83 6.71 10.51
CA LEU B 98 31.17 7.98 11.15
C LEU B 98 31.41 7.88 12.64
N SER B 99 30.86 6.86 13.27
CA SER B 99 30.92 6.71 14.69
C SER B 99 32.07 5.83 15.05
N ALA B 100 32.94 6.35 15.91
CA ALA B 100 34.07 5.60 16.40
C ALA B 100 33.53 4.48 17.29
N GLN B 101 32.50 4.79 18.07
CA GLN B 101 31.89 3.78 18.95
C GLN B 101 31.34 2.60 18.14
N MSE B 102 30.74 2.89 16.99
CA MSE B 102 30.20 1.82 16.12
C MSE B 102 31.35 0.99 15.60
O MSE B 102 31.24 -0.23 15.49
CB MSE B 102 29.42 2.39 14.93
CG MSE B 102 28.13 3.03 15.39
SE MSE B 102 26.95 1.69 16.25
CE MSE B 102 27.08 2.47 18.07
N ILE B 103 32.44 1.64 15.25
CA ILE B 103 33.59 0.91 14.76
C ILE B 103 34.16 -0.01 15.85
N ASP B 104 34.30 0.49 17.06
CA ASP B 104 34.80 -0.33 18.19
C ASP B 104 33.82 -1.49 18.54
N ARG B 105 32.51 -1.27 18.33
CA ARG B 105 31.52 -2.32 18.56
C ARG B 105 31.63 -3.37 17.49
N ALA B 106 31.93 -2.91 16.28
CA ALA B 106 32.08 -3.77 15.13
C ALA B 106 33.30 -4.65 15.26
N LYS B 107 34.44 -4.05 15.57
CA LYS B 107 35.71 -4.77 15.71
C LYS B 107 35.60 -5.93 16.68
N GLN B 108 34.88 -5.68 17.76
CA GLN B 108 34.67 -6.66 18.79
C GLN B 108 33.70 -7.76 18.42
N ALA B 109 32.58 -7.41 17.78
CA ALA B 109 31.64 -8.45 17.34
C ALA B 109 32.35 -9.33 16.31
N ALA B 110 33.21 -8.70 15.49
CA ALA B 110 33.95 -9.41 14.46
C ALA B 110 35.00 -10.34 15.06
N GLU B 111 35.74 -9.88 16.06
CA GLU B 111 36.74 -10.74 16.71
C GLU B 111 36.01 -11.93 17.29
N ALA B 112 34.94 -11.65 18.04
CA ALA B 112 34.09 -12.66 18.68
C ALA B 112 33.68 -13.76 17.70
N LYS B 113 33.35 -13.36 16.48
CA LYS B 113 32.97 -14.32 15.45
C LYS B 113 34.16 -14.78 14.61
N GLY B 114 35.38 -14.54 15.13
CA GLY B 114 36.62 -14.97 14.49
C GLY B 114 36.82 -14.57 13.04
N VAL B 115 36.34 -13.39 12.67
CA VAL B 115 36.49 -12.97 11.29
C VAL B 115 37.30 -11.65 11.18
N SER B 116 38.02 -11.29 12.23
CA SER B 116 38.85 -10.09 12.21
C SER B 116 39.82 -10.04 11.02
N ASP B 117 40.24 -11.21 10.52
CA ASP B 117 41.20 -11.28 9.39
C ASP B 117 40.58 -10.93 8.02
N ASN B 118 39.26 -10.88 7.94
CA ASN B 118 38.61 -10.64 6.66
C ASN B 118 37.93 -9.29 6.61
N MSE B 119 38.33 -8.37 7.46
CA MSE B 119 37.67 -7.06 7.48
C MSE B 119 38.56 -5.92 7.78
O MSE B 119 39.61 -6.07 8.41
CB MSE B 119 36.68 -7.14 8.62
CG MSE B 119 35.73 -8.31 8.42
SE MSE B 119 33.96 -7.64 8.77
CE MSE B 119 34.01 -7.88 10.70
N GLN B 120 38.13 -4.76 7.30
CA GLN B 120 38.78 -3.45 7.50
C GLN B 120 37.77 -2.59 8.24
N PHE B 121 38.24 -1.62 8.98
CA PHE B 121 37.36 -0.71 9.70
C PHE B 121 37.95 0.65 9.38
N ILE B 122 37.16 1.50 8.72
CA ILE B 122 37.59 2.86 8.37
C ILE B 122 36.67 3.83 9.10
N HIS B 123 37.25 4.69 9.93
CA HIS B 123 36.49 5.67 10.68
C HIS B 123 36.41 6.93 9.84
N CYS B 124 35.32 7.07 9.08
CA CYS B 124 35.09 8.25 8.23
C CYS B 124 33.65 8.28 7.69
N ALA B 125 33.34 9.39 7.03
CA ALA B 125 32.06 9.57 6.41
C ALA B 125 32.08 8.86 5.06
N ALA B 126 30.93 8.30 4.67
CA ALA B 126 30.82 7.64 3.39
C ALA B 126 31.21 8.60 2.26
N GLN B 127 30.93 9.89 2.48
CA GLN B 127 31.23 10.91 1.47
C GLN B 127 32.71 11.05 1.21
N ASP B 128 33.53 10.61 2.16
CA ASP B 128 34.99 10.72 2.06
C ASP B 128 35.64 9.39 1.91
N VAL B 129 34.86 8.34 1.77
CA VAL B 129 35.44 6.98 1.73
C VAL B 129 36.41 6.74 0.58
N ALA B 130 36.21 7.41 -0.56
CA ALA B 130 37.11 7.24 -1.73
C ALA B 130 38.62 7.47 -1.45
N SER B 131 38.92 8.37 -0.51
N SER B 131 38.91 8.37 -0.50
CA SER B 131 40.31 8.67 -0.14
CA SER B 131 40.28 8.70 -0.11
C SER B 131 40.91 7.57 0.72
C SER B 131 40.90 7.58 0.73
N HIS B 132 40.05 6.74 1.33
CA HIS B 132 40.50 5.66 2.18
C HIS B 132 40.47 4.31 1.46
N LEU B 133 40.19 4.28 0.17
CA LEU B 133 40.13 3.02 -0.56
C LEU B 133 41.19 3.01 -1.62
N GLU B 134 41.78 1.83 -1.85
CA GLU B 134 42.87 1.65 -2.83
C GLU B 134 42.50 1.22 -4.26
N THR B 135 41.55 0.32 -4.37
CA THR B 135 41.06 -0.19 -5.65
C THR B 135 39.51 -0.20 -5.59
N PRO B 136 38.82 -0.28 -6.75
CA PRO B 136 37.35 -0.28 -6.75
C PRO B 136 36.75 -1.52 -6.12
N VAL B 137 35.43 -1.47 -5.88
CA VAL B 137 34.71 -2.57 -5.26
C VAL B 137 33.71 -3.24 -6.21
N ASP B 138 33.30 -4.46 -5.85
CA ASP B 138 32.34 -5.23 -6.66
C ASP B 138 30.89 -5.03 -6.25
N LEU B 139 30.70 -4.83 -4.95
CA LEU B 139 29.39 -4.69 -4.34
C LEU B 139 29.46 -3.70 -3.21
N ILE B 140 28.50 -2.79 -3.15
CA ILE B 140 28.44 -1.82 -2.07
C ILE B 140 27.17 -2.04 -1.27
N LEU B 141 27.25 -2.02 0.07
CA LEU B 141 26.05 -2.11 0.93
C LEU B 141 25.87 -0.73 1.52
N PHE B 142 24.70 -0.11 1.28
CA PHE B 142 24.40 1.20 1.84
C PHE B 142 23.01 0.98 2.46
N HIS B 143 23.03 0.46 3.66
CA HIS B 143 21.80 0.09 4.33
C HIS B 143 21.44 0.96 5.52
N ALA B 144 20.29 1.61 5.39
CA ALA B 144 19.75 2.44 6.43
C ALA B 144 20.64 3.63 6.75
N VAL B 145 21.20 4.21 5.71
CA VAL B 145 22.05 5.38 5.82
C VAL B 145 21.52 6.53 4.95
N LEU B 146 20.85 6.25 3.82
CA LEU B 146 20.41 7.37 2.97
C LEU B 146 19.50 8.38 3.68
N GLU B 147 18.68 7.91 4.59
CA GLU B 147 17.78 8.74 5.39
C GLU B 147 18.51 9.56 6.48
N TRP B 148 19.83 9.40 6.56
CA TRP B 148 20.64 10.14 7.56
C TRP B 148 21.58 11.14 6.95
N VAL B 149 21.55 11.29 5.64
CA VAL B 149 22.45 12.21 4.97
C VAL B 149 21.69 13.32 4.30
N ALA B 150 22.26 14.52 4.43
CA ALA B 150 21.65 15.70 3.78
C ALA B 150 22.00 15.90 2.32
N ASP B 151 22.98 15.12 1.86
CA ASP B 151 23.50 15.14 0.50
C ASP B 151 23.41 13.77 -0.19
N PRO B 152 22.19 13.29 -0.32
CA PRO B 152 22.00 11.96 -0.92
C PRO B 152 22.48 11.78 -2.37
N ARG B 153 22.32 12.75 -3.24
CA ARG B 153 22.77 12.58 -4.62
C ARG B 153 24.28 12.50 -4.65
N SER B 154 24.92 13.33 -3.84
CA SER B 154 26.39 13.36 -3.80
C SER B 154 26.93 12.05 -3.24
N VAL B 155 26.31 11.54 -2.18
CA VAL B 155 26.79 10.27 -1.63
C VAL B 155 26.63 9.16 -2.67
N LEU B 156 25.51 9.15 -3.41
CA LEU B 156 25.28 8.14 -4.44
C LEU B 156 26.34 8.26 -5.53
N GLN B 157 26.72 9.48 -5.90
CA GLN B 157 27.74 9.67 -6.92
C GLN B 157 29.08 9.14 -6.39
N THR B 158 29.39 9.35 -5.11
CA THR B 158 30.63 8.81 -4.54
C THR B 158 30.62 7.29 -4.64
N LEU B 159 29.49 6.71 -4.30
CA LEU B 159 29.39 5.28 -4.35
C LEU B 159 29.55 4.79 -5.76
N TRP B 160 28.87 5.44 -6.71
CA TRP B 160 28.97 5.05 -8.10
C TRP B 160 30.42 5.08 -8.60
N SER B 161 31.20 6.04 -8.10
CA SER B 161 32.58 6.22 -8.57
C SER B 161 33.58 5.22 -7.97
N VAL B 162 33.23 4.53 -6.90
CA VAL B 162 34.17 3.54 -6.32
C VAL B 162 33.77 2.13 -6.67
N LEU B 163 32.73 2.00 -7.48
CA LEU B 163 32.21 0.70 -7.87
C LEU B 163 32.68 0.41 -9.28
N ARG B 164 33.04 -0.83 -9.56
CA ARG B 164 33.46 -1.20 -10.90
C ARG B 164 32.28 -1.30 -11.85
N PRO B 165 32.52 -1.16 -13.16
CA PRO B 165 31.44 -1.35 -14.12
C PRO B 165 30.93 -2.78 -14.00
N GLY B 166 29.63 -2.97 -14.08
CA GLY B 166 29.02 -4.29 -13.94
C GLY B 166 28.67 -4.56 -12.47
N GLY B 167 29.22 -3.74 -11.59
CA GLY B 167 29.05 -3.86 -10.14
C GLY B 167 27.63 -3.57 -9.66
N VAL B 168 27.35 -3.93 -8.41
CA VAL B 168 26.00 -3.77 -7.84
C VAL B 168 26.00 -2.96 -6.57
N LEU B 169 24.92 -2.16 -6.45
CA LEU B 169 24.61 -1.37 -5.28
C LEU B 169 23.41 -2.02 -4.60
N SER B 170 23.56 -2.36 -3.34
CA SER B 170 22.47 -2.86 -2.54
C SER B 170 22.10 -1.69 -1.66
N LEU B 171 20.98 -1.01 -1.97
CA LEU B 171 20.58 0.21 -1.28
C LEU B 171 19.29 -0.05 -0.48
N MSE B 172 19.34 0.09 0.84
CA MSE B 172 18.15 -0.12 1.68
C MSE B 172 17.90 1.21 2.33
O MSE B 172 18.76 1.72 3.04
CB MSE B 172 18.26 -1.25 2.68
CG MSE B 172 16.95 -1.44 3.38
SE MSE B 172 17.04 -3.08 4.46
CE MSE B 172 17.53 -1.99 5.94
N PHE B 173 16.73 1.79 2.13
CA PHE B 173 16.46 3.10 2.68
C PHE B 173 15.13 3.11 3.43
N TYR B 174 15.05 3.97 4.44
CA TYR B 174 13.84 4.16 5.24
C TYR B 174 12.80 4.88 4.43
N ASN B 175 11.63 4.27 4.31
CA ASN B 175 10.56 4.73 3.46
C ASN B 175 9.55 5.65 4.17
N ALA B 176 9.38 6.85 3.67
CA ALA B 176 8.44 7.77 4.26
C ALA B 176 7.03 7.24 4.26
N HIS B 177 6.60 6.48 3.23
CA HIS B 177 5.24 5.93 3.27
C HIS B 177 5.06 4.94 4.41
N GLY B 178 6.08 4.13 4.69
CA GLY B 178 6.06 3.20 5.81
C GLY B 178 5.90 3.96 7.13
N LEU B 179 6.57 5.10 7.23
CA LEU B 179 6.47 5.96 8.40
C LEU B 179 5.04 6.45 8.62
N LEU B 180 4.46 6.96 7.54
CA LEU B 180 3.11 7.43 7.61
C LEU B 180 2.16 6.30 7.98
N MSE B 181 2.25 5.16 7.29
N MSE B 181 2.24 5.16 7.29
CA MSE B 181 1.36 4.04 7.59
CA MSE B 181 1.33 4.05 7.60
C MSE B 181 1.51 3.59 9.00
C MSE B 181 1.51 3.58 9.01
O MSE B 181 0.52 3.38 9.71
O MSE B 181 0.53 3.33 9.72
CB MSE B 181 1.65 2.91 6.61
CB MSE B 181 1.51 2.94 6.55
CG MSE B 181 0.58 1.82 6.74
CG MSE B 181 0.63 1.71 6.83
SE MSE B 181 -1.05 2.49 5.87
SE MSE B 181 -1.28 2.15 6.64
CE MSE B 181 -1.92 0.73 6.22
CE MSE B 181 -1.34 2.86 4.81
N HIS B 182 2.75 3.45 9.47
CA HIS B 182 2.99 3.04 10.86
C HIS B 182 2.31 3.97 11.82
N ASN B 183 2.45 5.28 11.63
CA ASN B 183 1.84 6.24 12.57
C ASN B 183 0.34 6.33 12.45
N MSE B 184 -0.22 6.13 11.27
CA MSE B 184 -1.69 6.11 11.16
C MSE B 184 -2.22 4.89 11.86
O MSE B 184 -3.14 5.00 12.67
CB MSE B 184 -2.14 6.03 9.68
CG MSE B 184 -1.94 7.34 8.95
SE MSE B 184 -2.86 8.87 9.77
CE MSE B 184 -4.63 8.12 9.78
N VAL B 185 -1.64 3.72 11.62
CA VAL B 185 -2.09 2.49 12.33
C VAL B 185 -2.03 2.64 13.86
N ALA B 186 -0.96 3.30 14.28
CA ALA B 186 -0.72 3.53 15.69
C ALA B 186 -1.63 4.62 16.28
N GLY B 187 -2.41 5.33 15.46
CA GLY B 187 -3.29 6.36 15.95
C GLY B 187 -2.60 7.67 16.28
N ASN B 188 -1.39 7.88 15.75
CA ASN B 188 -0.66 9.11 16.01
C ASN B 188 -1.06 10.15 14.97
N PHE B 189 -2.30 10.55 15.04
CA PHE B 189 -2.87 11.46 14.04
C PHE B 189 -2.27 12.84 14.08
N ASP B 190 -1.98 13.34 15.27
CA ASP B 190 -1.44 14.70 15.39
C ASP B 190 -0.08 14.74 14.70
N TYR B 191 0.72 13.69 14.84
CA TYR B 191 2.02 13.63 14.17
C TYR B 191 1.91 13.58 12.66
N VAL B 192 0.99 12.79 12.14
CA VAL B 192 0.90 12.68 10.73
C VAL B 192 0.35 13.97 10.16
N GLN B 193 -0.54 14.60 10.89
CA GLN B 193 -1.11 15.88 10.42
C GLN B 193 -0.07 17.01 10.40
N ALA B 194 0.73 17.12 11.45
CA ALA B 194 1.70 18.20 11.55
C ALA B 194 3.14 17.88 11.12
N GLY B 195 3.49 16.60 11.09
CA GLY B 195 4.87 16.19 10.81
C GLY B 195 5.77 16.50 12.04
N MSE B 196 7.06 16.67 11.76
CA MSE B 196 8.06 16.96 12.81
C MSE B 196 7.51 17.15 14.20
O MSE B 196 7.54 18.26 14.77
CB MSE B 196 8.86 18.19 12.37
CG MSE B 196 10.17 18.28 13.15
SE MSE B 196 11.68 18.01 11.92
CE MSE B 196 12.45 19.81 12.14
N SER B 205 13.36 7.63 14.74
CA SER B 205 12.95 8.26 13.48
C SER B 205 14.10 9.09 12.86
N PRO B 206 14.48 8.76 11.63
CA PRO B 206 15.61 9.44 10.98
C PRO B 206 15.35 10.87 10.48
N ASP B 207 16.43 11.55 10.12
CA ASP B 207 16.34 12.93 9.73
C ASP B 207 15.60 13.17 8.41
N TYR B 208 15.78 12.26 7.46
CA TYR B 208 15.24 12.41 6.11
C TYR B 208 14.56 11.16 5.56
N PRO B 209 13.44 10.77 6.15
CA PRO B 209 12.67 9.67 5.53
C PRO B 209 12.49 9.90 4.03
N ARG B 210 12.72 8.88 3.23
CA ARG B 210 12.71 9.07 1.78
C ARG B 210 11.46 8.65 1.04
N ASP B 211 11.22 9.41 -0.03
CA ASP B 211 10.12 9.10 -0.99
C ASP B 211 10.74 8.12 -1.98
N PRO B 212 10.21 6.91 -2.08
CA PRO B 212 10.75 5.92 -2.99
C PRO B 212 10.83 6.42 -4.43
N THR B 213 9.83 7.13 -4.88
CA THR B 213 9.84 7.61 -6.29
C THR B 213 11.08 8.50 -6.51
N GLN B 214 11.40 9.37 -5.54
N GLN B 214 11.40 9.35 -5.54
CA GLN B 214 12.56 10.26 -5.70
CA GLN B 214 12.55 10.22 -5.68
C GLN B 214 13.87 9.46 -5.65
C GLN B 214 13.85 9.41 -5.68
N VAL B 215 13.95 8.44 -4.78
CA VAL B 215 15.15 7.60 -4.72
C VAL B 215 15.39 6.88 -6.06
N TYR B 216 14.34 6.31 -6.63
CA TYR B 216 14.50 5.60 -7.89
C TYR B 216 15.00 6.59 -8.95
N LEU B 217 14.46 7.80 -8.97
CA LEU B 217 14.88 8.83 -9.92
C LEU B 217 16.36 9.17 -9.73
N TRP B 218 16.78 9.33 -8.46
CA TRP B 218 18.20 9.61 -8.19
C TRP B 218 19.10 8.55 -8.77
N LEU B 219 18.68 7.29 -8.63
CA LEU B 219 19.45 6.17 -9.13
C LEU B 219 19.48 6.19 -10.63
N GLU B 220 18.33 6.40 -11.25
CA GLU B 220 18.30 6.36 -12.71
C GLU B 220 19.01 7.54 -13.32
N GLU B 221 18.92 8.71 -12.68
CA GLU B 221 19.62 9.91 -13.16
C GLU B 221 21.12 9.75 -13.20
N ALA B 222 21.65 9.02 -12.22
CA ALA B 222 23.09 8.79 -12.13
C ALA B 222 23.54 7.75 -13.14
N GLY B 223 22.61 6.97 -13.67
CA GLY B 223 22.89 5.94 -14.66
C GLY B 223 22.82 4.52 -14.15
N TRP B 224 22.31 4.32 -12.92
CA TRP B 224 22.23 2.98 -12.39
C TRP B 224 21.07 2.30 -13.09
N GLN B 225 21.12 0.98 -13.18
CA GLN B 225 20.03 0.20 -13.76
C GLN B 225 19.42 -0.60 -12.60
N ILE B 226 18.17 -0.31 -12.30
CA ILE B 226 17.45 -0.96 -11.18
C ILE B 226 17.02 -2.37 -11.59
N MSE B 227 17.41 -3.33 -10.77
CA MSE B 227 17.15 -4.74 -11.01
C MSE B 227 15.98 -5.24 -10.21
O MSE B 227 15.19 -6.05 -10.71
CB MSE B 227 18.37 -5.47 -10.50
CG MSE B 227 19.53 -5.25 -11.47
SE MSE B 227 21.16 -5.55 -10.41
CE MSE B 227 21.25 -7.52 -10.29
N GLY B 228 15.85 -4.74 -9.00
CA GLY B 228 14.76 -5.19 -8.14
C GLY B 228 14.41 -4.21 -7.04
N LYS B 229 13.21 -4.37 -6.49
CA LYS B 229 12.68 -3.54 -5.40
C LYS B 229 11.93 -4.44 -4.47
N THR B 230 12.31 -4.37 -3.20
CA THR B 230 11.69 -5.21 -2.17
C THR B 230 11.27 -4.39 -0.98
N GLY B 231 10.03 -4.59 -0.50
CA GLY B 231 9.61 -3.93 0.72
C GLY B 231 10.11 -4.78 1.88
N VAL B 232 10.70 -4.12 2.85
CA VAL B 232 11.24 -4.75 4.06
C VAL B 232 10.35 -4.38 5.24
N ARG B 233 9.61 -5.40 5.70
CA ARG B 233 8.57 -5.30 6.76
C ARG B 233 7.37 -4.55 6.16
N VAL B 234 6.56 -5.32 5.42
CA VAL B 234 5.39 -4.77 4.73
C VAL B 234 4.10 -4.97 5.50
N PHE B 235 4.10 -5.95 6.40
CA PHE B 235 2.98 -6.25 7.28
C PHE B 235 3.32 -6.16 8.78
N HIS B 236 4.50 -6.67 9.13
CA HIS B 236 4.97 -6.82 10.53
C HIS B 236 4.62 -5.65 11.44
N ASP B 237 4.97 -4.42 11.03
CA ASP B 237 4.80 -3.29 11.88
C ASP B 237 3.36 -2.84 12.09
N TYR B 238 2.47 -3.30 11.22
CA TYR B 238 1.11 -2.85 11.16
C TYR B 238 0.14 -3.79 11.88
N LEU B 239 0.63 -4.93 12.38
CA LEU B 239 -0.23 -5.93 13.02
C LEU B 239 -1.03 -5.36 14.20
N ARG B 240 -2.30 -5.64 14.29
CA ARG B 240 -3.08 -5.07 15.38
C ARG B 240 -2.60 -5.65 16.73
N GLU B 241 -2.40 -6.94 16.75
CA GLU B 241 -1.89 -7.63 17.97
C GLU B 241 -0.41 -7.79 17.79
N LYS B 242 0.38 -6.91 18.40
CA LYS B 242 1.80 -6.96 18.14
C LYS B 242 2.47 -8.23 18.64
N HIS B 243 1.90 -8.89 19.64
N HIS B 243 1.87 -8.94 19.60
CA HIS B 243 2.47 -10.16 20.10
CA HIS B 243 2.47 -10.21 20.09
C HIS B 243 2.63 -11.18 18.95
C HIS B 243 2.56 -11.27 18.98
N GLN B 244 1.80 -11.06 17.89
CA GLN B 244 1.83 -12.01 16.77
C GLN B 244 3.12 -11.90 16.01
N GLN B 245 3.78 -10.75 16.11
CA GLN B 245 5.08 -10.61 15.46
C GLN B 245 6.00 -11.72 15.89
N ARG B 246 5.99 -12.08 17.19
CA ARG B 246 6.84 -13.13 17.69
C ARG B 246 6.13 -14.46 17.68
N ASP B 247 4.89 -14.49 18.18
CA ASP B 247 4.17 -15.75 18.30
C ASP B 247 3.83 -16.41 17.00
N CYS B 248 3.71 -15.62 15.93
CA CYS B 248 3.41 -16.14 14.64
C CYS B 248 4.50 -15.74 13.64
N TYR B 249 5.73 -15.61 14.10
CA TYR B 249 6.84 -15.14 13.26
C TYR B 249 7.03 -15.91 11.98
N GLU B 250 7.03 -17.24 12.05
CA GLU B 250 7.26 -18.02 10.81
C GLU B 250 6.14 -17.87 9.82
N ALA B 251 4.89 -17.85 10.28
CA ALA B 251 3.78 -17.70 9.32
C ALA B 251 3.83 -16.30 8.71
N LEU B 252 4.22 -15.32 9.51
CA LEU B 252 4.38 -13.94 9.06
C LEU B 252 5.49 -13.83 8.04
N LEU B 253 6.61 -14.46 8.30
CA LEU B 253 7.75 -14.49 7.39
C LEU B 253 7.41 -15.11 6.04
N GLU B 254 6.59 -16.14 6.02
CA GLU B 254 6.19 -16.77 4.77
C GLU B 254 5.39 -15.74 3.94
N LEU B 255 4.52 -15.02 4.61
CA LEU B 255 3.63 -14.05 3.86
C LEU B 255 4.36 -12.78 3.47
N GLU B 256 5.25 -12.31 4.30
CA GLU B 256 6.13 -11.19 3.94
C GLU B 256 6.93 -11.61 2.72
N THR B 257 7.51 -12.80 2.73
CA THR B 257 8.32 -13.28 1.60
C THR B 257 7.45 -13.32 0.32
N ARG B 258 6.22 -13.78 0.46
CA ARG B 258 5.31 -13.93 -0.68
C ARG B 258 4.92 -12.62 -1.39
N TYR B 259 4.71 -11.58 -0.57
CA TYR B 259 4.17 -10.32 -1.09
C TYR B 259 5.09 -9.14 -1.18
N CYS B 260 6.27 -9.24 -0.56
CA CYS B 260 7.17 -8.09 -0.42
C CYS B 260 7.76 -7.55 -1.72
N ARG B 261 7.66 -8.27 -2.83
CA ARG B 261 8.15 -7.80 -4.13
C ARG B 261 7.03 -7.47 -5.13
N GLN B 262 5.83 -7.18 -4.58
CA GLN B 262 4.68 -6.73 -5.37
C GLN B 262 4.21 -5.39 -4.84
N GLU B 263 3.67 -4.56 -5.73
CA GLU B 263 2.99 -3.36 -5.25
C GLU B 263 1.59 -3.77 -4.84
N PRO B 264 1.01 -3.04 -3.90
CA PRO B 264 1.53 -1.88 -3.20
C PRO B 264 2.48 -2.19 -2.04
N TYR B 265 2.69 -3.48 -1.74
CA TYR B 265 3.46 -3.88 -0.52
C TYR B 265 4.83 -3.36 -0.51
N ILE B 266 5.47 -3.30 -1.68
CA ILE B 266 6.84 -2.74 -1.72
C ILE B 266 6.87 -1.36 -1.12
N THR B 267 5.88 -0.56 -1.54
CA THR B 267 5.81 0.84 -1.14
C THR B 267 5.28 1.04 0.26
N LEU B 268 4.86 -0.02 0.92
CA LEU B 268 4.41 0.03 2.30
C LEU B 268 5.50 -0.53 3.17
N GLY B 269 6.65 -0.93 2.63
CA GLY B 269 7.69 -1.42 3.49
C GLY B 269 8.28 -0.36 4.41
N ARG B 270 8.65 -0.72 5.64
CA ARG B 270 9.31 0.23 6.50
C ARG B 270 10.62 0.69 5.85
N TYR B 271 11.31 -0.24 5.24
CA TYR B 271 12.45 0.02 4.39
C TYR B 271 12.17 -0.55 3.02
N ILE B 272 12.89 -0.03 2.01
CA ILE B 272 12.86 -0.58 0.66
C ILE B 272 14.29 -0.90 0.30
N HIS B 273 14.47 -2.12 -0.19
CA HIS B 273 15.77 -2.61 -0.62
C HIS B 273 15.78 -2.62 -2.13
N VAL B 274 16.56 -1.74 -2.74
CA VAL B 274 16.66 -1.67 -4.18
C VAL B 274 18.06 -2.15 -4.55
N THR B 275 18.09 -3.06 -5.50
CA THR B 275 19.36 -3.61 -6.04
C THR B 275 19.52 -2.92 -7.35
N ALA B 276 20.72 -2.38 -7.58
CA ALA B 276 20.99 -1.66 -8.78
C ALA B 276 22.39 -1.98 -9.28
N ARG B 277 22.47 -2.14 -10.59
CA ARG B 277 23.77 -2.37 -11.19
C ARG B 277 24.24 -1.20 -12.05
N LYS B 278 25.56 -0.99 -11.98
CA LYS B 278 26.28 0.01 -12.78
C LYS B 278 26.65 -0.69 -14.08
N PRO B 279 26.20 -0.18 -15.25
CA PRO B 279 26.54 -0.80 -16.54
C PRO B 279 28.00 -0.57 -16.97
N SAM C . -24.88 0.09 -4.86
CA SAM C . -25.36 -0.10 -3.50
C SAM C . -24.37 0.46 -2.54
O SAM C . -24.58 0.31 -1.32
OXT SAM C . -23.39 1.12 -2.93
CB SAM C . -25.67 -1.57 -3.15
CG SAM C . -24.43 -2.51 -3.19
SD SAM C . -24.71 -4.16 -2.89
CE SAM C . -23.43 -4.75 -2.00
C5' SAM C . -24.75 -4.93 -4.37
C4' SAM C . -26.11 -4.76 -5.05
O4' SAM C . -26.02 -5.10 -6.44
C3' SAM C . -27.21 -5.64 -4.47
O3' SAM C . -28.36 -4.84 -4.16
C2' SAM C . -27.52 -6.66 -5.54
O2' SAM C . -28.90 -7.11 -5.41
C1' SAM C . -27.18 -5.90 -6.80
N9 SAM C . -26.74 -6.67 -7.96
C8 SAM C . -25.81 -7.66 -7.94
N7 SAM C . -25.58 -8.10 -9.18
C5 SAM C . -26.31 -7.31 -10.02
C6 SAM C . -26.47 -7.24 -11.46
N6 SAM C . -25.82 -8.08 -12.25
N1 SAM C . -27.35 -6.34 -11.95
C2 SAM C . -28.03 -5.55 -11.13
N3 SAM C . -27.91 -5.53 -9.80
C4 SAM C . -27.08 -6.40 -9.20
S SO4 D . -18.17 -2.29 3.83
O1 SO4 D . -16.91 -2.84 4.33
O2 SO4 D . -18.51 -3.20 2.67
O3 SO4 D . -19.25 -2.47 4.85
O4 SO4 D . -18.21 -0.79 3.52
C ACT E . -14.77 -6.62 5.10
O ACT E . -13.77 -7.34 5.34
OXT ACT E . -15.51 -6.77 4.08
CH3 ACT E . -15.07 -5.46 6.00
N SAM F . 24.20 -0.37 8.35
CA SAM F . 23.87 -0.67 9.71
C SAM F . 22.65 -1.56 9.73
O SAM F . 22.22 -1.89 10.83
OXT SAM F . 22.15 -1.90 8.63
CB SAM F . 23.63 0.55 10.60
CG SAM F . 22.43 1.47 10.31
SD SAM F . 22.31 2.77 11.37
CE SAM F . 20.71 3.21 11.64
C5' SAM F . 23.06 4.04 10.57
C4' SAM F . 24.59 4.03 10.74
O4' SAM F . 25.11 4.98 9.84
C3' SAM F . 25.05 4.44 12.15
O3' SAM F . 25.99 3.47 12.71
C2' SAM F . 25.68 5.81 11.99
O2' SAM F . 26.76 6.11 12.95
C1' SAM F . 26.13 5.74 10.54
N9 SAM F . 26.19 7.00 9.77
C8 SAM F . 25.30 8.03 9.76
N7 SAM F . 25.66 8.94 8.81
C5 SAM F . 26.74 8.45 8.14
C6 SAM F . 27.65 8.90 7.07
N6 SAM F . 27.45 10.09 6.45
N1 SAM F . 28.70 8.12 6.71
C2 SAM F . 28.91 6.91 7.32
N3 SAM F . 28.16 6.50 8.34
C4 SAM F . 27.06 7.16 8.76
S SO4 G . 14.25 -0.64 12.42
O1 SO4 G . 14.46 -0.89 13.86
O2 SO4 G . 14.57 -1.88 11.63
O3 SO4 G . 12.90 -0.07 12.40
O4 SO4 G . 15.22 0.43 12.00
C1 BME H . -1.18 -17.30 13.14
C2 BME H . -1.78 -15.93 13.29
O1 BME H . -2.22 -18.26 13.28
S2 BME H . -0.86 -14.97 14.51
#